data_5ESR
#
_entry.id   5ESR
#
_cell.length_a   79.377
_cell.length_b   79.643
_cell.length_c   94.766
_cell.angle_alpha   90.000
_cell.angle_beta   90.000
_cell.angle_gamma   90.000
#
_symmetry.space_group_name_H-M   'C 2 2 21'
#
loop_
_entity.id
_entity.type
_entity.pdbx_description
1 polymer 'Haloalkane dehalogenase'
2 non-polymer 'COBALT (II) ION'
3 non-polymer 'MAGNESIUM ION'
4 non-polymer 'CHLORIDE ION'
5 water water
#
_entity_poly.entity_id   1
_entity_poly.type   'polypeptide(L)'
_entity_poly.pdbx_seq_one_letter_code
;MDVLRTPDERFEGLADWSFAPHYTEVTDADGTALRIHHVDEGPKDQRPILLMHGEPSWAYLYRKVIAELVAKGHRVVAPD
LVGFGRSDKPAKRTDYTYERHVAWMSAWLEQNDLKDIVLFCQDWGGLIGLRLVAAFPERFSAVVVSNTGLPIGVGKSEGF
EAWLNFSQNTPELPVGFILNGGTARDLSDAERSAYDAPFPDESYKEGARIFPALVPITPEHASVEENKAAWAVLETFDKP
FVTAFSDADPITRGGEAMFLARVPGTKNVAHTTLKGGHFVQEDSPVEIAALLDGLVAGLPQAHHHHHH
;
_entity_poly.pdbx_strand_id   A
#
# COMPACT_ATOMS: atom_id res chain seq x y z
N MET A 1 -18.82 -14.59 -5.02
CA MET A 1 -17.56 -15.08 -4.38
C MET A 1 -17.88 -15.65 -3.03
N ASP A 2 -17.18 -16.74 -2.66
CA ASP A 2 -17.11 -17.19 -1.27
C ASP A 2 -16.11 -16.28 -0.56
N VAL A 3 -16.43 -15.85 0.65
CA VAL A 3 -15.63 -14.86 1.37
C VAL A 3 -15.39 -15.28 2.80
N LEU A 4 -14.14 -15.17 3.22
CA LEU A 4 -13.74 -15.43 4.59
C LEU A 4 -13.58 -14.12 5.37
N ARG A 5 -13.84 -14.19 6.65
CA ARG A 5 -13.69 -13.07 7.54
C ARG A 5 -12.93 -13.53 8.78
N THR A 6 -11.78 -12.94 9.04
CA THR A 6 -10.98 -13.34 10.19
C THR A 6 -11.68 -12.96 11.50
N PRO A 7 -11.75 -13.88 12.47
CA PRO A 7 -12.38 -13.57 13.75
C PRO A 7 -11.65 -12.48 14.49
N ASP A 8 -12.39 -11.64 15.19
CA ASP A 8 -11.79 -10.50 15.86
C ASP A 8 -10.82 -10.88 16.97
N GLU A 9 -10.94 -12.06 17.54
CA GLU A 9 -10.01 -12.48 18.59
C GLU A 9 -8.57 -12.46 18.09
N ARG A 10 -8.38 -12.64 16.79
CA ARG A 10 -7.03 -12.65 16.21
C ARG A 10 -6.32 -11.32 16.35
N PHE A 11 -7.08 -10.24 16.54
CA PHE A 11 -6.51 -8.89 16.54
C PHE A 11 -6.44 -8.30 17.95
N GLU A 12 -6.73 -9.11 18.96
CA GLU A 12 -6.56 -8.72 20.36
C GLU A 12 -5.09 -8.84 20.77
N GLY A 13 -4.64 -7.89 21.56
CA GLY A 13 -3.35 -8.02 22.21
C GLY A 13 -2.14 -7.94 21.29
N LEU A 14 -2.30 -7.26 20.17
CA LEU A 14 -1.20 -7.12 19.22
C LEU A 14 -0.23 -6.01 19.62
N ALA A 15 1.06 -6.29 19.46
CA ALA A 15 2.09 -5.34 19.86
C ALA A 15 1.94 -4.01 19.14
N ASP A 16 1.73 -2.94 19.90
CA ASP A 16 1.63 -1.59 19.35
C ASP A 16 0.49 -1.38 18.34
N TRP A 17 -0.61 -2.11 18.52
CA TRP A 17 -1.81 -1.91 17.72
C TRP A 17 -3.09 -1.90 18.55
N SER A 18 -3.58 -0.71 18.86
CA SER A 18 -4.82 -0.57 19.61
C SER A 18 -5.82 0.30 18.86
N PHE A 19 -5.56 0.59 17.58
CA PHE A 19 -6.42 1.50 16.84
C PHE A 19 -7.76 0.87 16.50
N ALA A 20 -8.83 1.61 16.75
CA ALA A 20 -10.16 1.09 16.59
C ALA A 20 -10.47 0.82 15.12
N PRO A 21 -11.12 -0.30 14.83
CA PRO A 21 -11.42 -0.59 13.43
C PRO A 21 -12.59 0.21 12.87
N HIS A 22 -12.45 0.62 11.61
CA HIS A 22 -13.54 1.21 10.85
C HIS A 22 -13.80 0.33 9.67
N TYR A 23 -15.06 0.28 9.24
CA TYR A 23 -15.43 -0.62 8.19
C TYR A 23 -16.26 0.08 7.12
N THR A 24 -16.12 -0.41 5.91
CA THR A 24 -16.89 0.07 4.76
C THR A 24 -17.34 -1.15 3.98
N GLU A 25 -18.61 -1.16 3.56
CA GLU A 25 -19.16 -2.23 2.72
C GLU A 25 -19.09 -1.80 1.26
N VAL A 26 -18.39 -2.56 0.44
CA VAL A 26 -18.36 -2.29 -1.01
C VAL A 26 -18.94 -3.48 -1.73
N THR A 27 -19.67 -3.21 -2.80
CA THR A 27 -20.32 -4.27 -3.54
C THR A 27 -19.57 -4.52 -4.82
N ASP A 28 -19.17 -5.78 -5.01
CA ASP A 28 -18.54 -6.21 -6.25
C ASP A 28 -19.56 -6.24 -7.37
N ALA A 29 -19.09 -6.15 -8.60
CA ALA A 29 -19.97 -6.33 -9.76
C ALA A 29 -20.75 -7.65 -9.72
N ASP A 30 -20.20 -8.69 -9.09
CA ASP A 30 -20.89 -9.98 -9.03
C ASP A 30 -21.95 -10.01 -7.93
N GLY A 31 -22.16 -8.86 -7.27
CA GLY A 31 -23.15 -8.75 -6.22
C GLY A 31 -22.65 -9.00 -4.80
N THR A 32 -21.41 -9.50 -4.66
CA THR A 32 -20.91 -9.82 -3.34
C THR A 32 -20.55 -8.55 -2.61
N ALA A 33 -21.05 -8.40 -1.38
CA ALA A 33 -20.65 -7.29 -0.54
C ALA A 33 -19.42 -7.69 0.26
N LEU A 34 -18.37 -6.90 0.15
CA LEU A 34 -17.10 -7.10 0.84
C LEU A 34 -16.94 -6.03 1.88
N ARG A 35 -16.53 -6.41 3.08
CA ARG A 35 -16.21 -5.45 4.12
C ARG A 35 -14.71 -5.14 4.13
N ILE A 36 -14.38 -3.85 4.05
CA ILE A 36 -12.99 -3.39 4.05
C ILE A 36 -12.74 -2.67 5.36
N HIS A 37 -11.58 -2.92 5.96
CA HIS A 37 -11.17 -2.28 7.22
C HIS A 37 -10.21 -1.13 6.96
N HIS A 38 -10.32 -0.07 7.77
CA HIS A 38 -9.26 0.91 7.86
C HIS A 38 -9.20 1.48 9.25
N VAL A 39 -8.06 2.09 9.59
CA VAL A 39 -8.00 2.92 10.79
C VAL A 39 -7.99 4.38 10.35
N ASP A 40 -8.50 5.23 11.23
CA ASP A 40 -8.62 6.67 10.99
C ASP A 40 -8.37 7.31 12.33
N GLU A 41 -7.21 7.96 12.43
CA GLU A 41 -6.77 8.56 13.68
C GLU A 41 -6.53 10.05 13.46
N GLY A 42 -6.73 10.84 14.51
CA GLY A 42 -6.53 12.28 14.47
C GLY A 42 -7.75 13.09 14.05
N PRO A 43 -7.61 14.42 14.00
CA PRO A 43 -8.74 15.33 13.77
C PRO A 43 -9.27 15.32 12.34
N LYS A 44 -10.59 15.26 12.20
CA LYS A 44 -11.23 15.18 10.90
C LYS A 44 -11.13 16.48 10.12
N ASP A 45 -10.77 17.58 10.79
CA ASP A 45 -10.60 18.85 10.08
C ASP A 45 -9.22 18.97 9.43
N GLN A 46 -8.37 17.97 9.63
CA GLN A 46 -7.06 17.95 9.00
C GLN A 46 -7.12 17.04 7.79
N ARG A 47 -6.31 17.35 6.80
CA ARG A 47 -6.29 16.53 5.60
C ARG A 47 -5.75 15.14 5.95
N PRO A 48 -6.29 14.11 5.30
CA PRO A 48 -5.85 12.75 5.61
C PRO A 48 -4.53 12.40 4.95
N ILE A 49 -3.63 11.85 5.75
CA ILE A 49 -2.43 11.22 5.25
C ILE A 49 -2.80 9.75 5.11
N LEU A 50 -2.84 9.29 3.86
CA LEU A 50 -3.33 7.96 3.50
C LEU A 50 -2.12 7.06 3.31
N LEU A 51 -2.04 5.98 4.09
CA LEU A 51 -0.90 5.08 4.10
C LEU A 51 -1.37 3.73 3.56
N MET A 52 -0.78 3.30 2.46
CA MET A 52 -1.22 2.07 1.79
C MET A 52 -0.15 0.99 1.77
N HIS A 53 -0.53 -0.19 2.28
CA HIS A 53 0.36 -1.34 2.42
C HIS A 53 0.23 -2.23 1.18
N GLY A 54 1.15 -3.17 1.04
CA GLY A 54 1.11 -4.14 -0.03
C GLY A 54 1.21 -5.59 0.43
N GLU A 55 1.87 -6.40 -0.38
CA GLU A 55 1.92 -7.85 -0.21
C GLU A 55 3.04 -8.33 0.72
N PRO A 56 2.75 -9.25 1.67
CA PRO A 56 1.50 -9.73 2.23
C PRO A 56 1.35 -9.12 3.64
N SER A 57 1.39 -7.80 3.70
CA SER A 57 1.32 -7.07 4.96
C SER A 57 -0.11 -6.59 5.20
N TRP A 58 -0.26 -5.68 6.15
CA TRP A 58 -1.53 -5.00 6.39
C TRP A 58 -1.23 -3.68 7.09
N ALA A 59 -2.26 -2.96 7.52
CA ALA A 59 -2.06 -1.62 8.06
C ALA A 59 -1.14 -1.61 9.29
N TYR A 60 -1.02 -2.75 9.95
CA TYR A 60 -0.07 -2.94 11.04
C TYR A 60 1.35 -2.46 10.67
N LEU A 61 1.73 -2.61 9.41
CA LEU A 61 3.03 -2.17 8.90
C LEU A 61 3.29 -0.69 9.19
N TYR A 62 2.22 0.09 9.31
CA TYR A 62 2.32 1.52 9.52
C TYR A 62 2.12 1.95 10.97
N ARG A 63 2.07 0.99 11.91
CA ARG A 63 1.71 1.32 13.29
C ARG A 63 2.54 2.43 13.92
N LYS A 64 3.85 2.46 13.65
CA LYS A 64 4.74 3.48 14.20
CA LYS A 64 4.71 3.49 14.21
C LYS A 64 4.61 4.79 13.43
N VAL A 65 4.47 4.69 12.11
CA VAL A 65 4.27 5.88 11.31
C VAL A 65 2.98 6.59 11.74
N ILE A 66 1.92 5.81 11.96
CA ILE A 66 0.67 6.36 12.45
C ILE A 66 0.87 7.08 13.78
N ALA A 67 1.52 6.41 14.74
CA ALA A 67 1.71 7.00 16.04
C ALA A 67 2.50 8.32 15.98
N GLU A 68 3.56 8.33 15.18
CA GLU A 68 4.38 9.52 15.03
C GLU A 68 3.58 10.68 14.43
N LEU A 69 2.82 10.41 13.39
CA LEU A 69 2.06 11.46 12.73
C LEU A 69 0.90 11.99 13.59
N VAL A 70 0.22 11.08 14.28
CA VAL A 70 -0.84 11.49 15.19
C VAL A 70 -0.28 12.40 16.29
N ALA A 71 0.89 12.06 16.81
CA ALA A 71 1.55 12.88 17.84
C ALA A 71 1.88 14.28 17.34
N LYS A 72 2.00 14.43 16.03
CA LYS A 72 2.31 15.70 15.38
C LYS A 72 1.05 16.47 14.94
N GLY A 73 -0.12 15.94 15.29
CA GLY A 73 -1.38 16.62 15.01
C GLY A 73 -2.08 16.30 13.71
N HIS A 74 -1.64 15.26 13.01
CA HIS A 74 -2.19 14.93 11.70
C HIS A 74 -3.35 13.95 11.78
N ARG A 75 -4.14 13.94 10.72
CA ARG A 75 -5.09 12.88 10.48
C ARG A 75 -4.40 11.80 9.65
N VAL A 76 -4.58 10.54 10.05
CA VAL A 76 -3.96 9.43 9.34
C VAL A 76 -5.01 8.35 9.08
N VAL A 77 -5.03 7.86 7.85
CA VAL A 77 -5.96 6.85 7.41
C VAL A 77 -5.13 5.72 6.79
N ALA A 78 -5.40 4.47 7.21
CA ALA A 78 -4.68 3.33 6.67
C ALA A 78 -5.63 2.16 6.46
N PRO A 79 -5.92 1.83 5.19
CA PRO A 79 -6.81 0.71 4.89
C PRO A 79 -6.08 -0.60 4.65
N ASP A 80 -6.80 -1.70 4.85
CA ASP A 80 -6.35 -3.03 4.50
C ASP A 80 -6.95 -3.43 3.16
N LEU A 81 -6.09 -3.82 2.25
CA LEU A 81 -6.55 -4.37 0.98
C LEU A 81 -7.40 -5.62 1.20
N VAL A 82 -8.36 -5.84 0.31
CA VAL A 82 -9.14 -7.07 0.32
C VAL A 82 -8.18 -8.26 0.22
N GLY A 83 -8.37 -9.26 1.08
CA GLY A 83 -7.43 -10.36 1.21
C GLY A 83 -6.47 -10.25 2.38
N PHE A 84 -6.47 -9.10 3.07
CA PHE A 84 -5.42 -8.77 4.02
C PHE A 84 -5.96 -8.17 5.28
N GLY A 85 -5.17 -8.22 6.34
CA GLY A 85 -5.47 -7.48 7.54
C GLY A 85 -6.81 -7.87 8.11
N ARG A 86 -7.62 -6.87 8.43
CA ARG A 86 -8.96 -7.08 8.95
C ARG A 86 -10.03 -6.96 7.88
N SER A 87 -9.63 -6.85 6.61
CA SER A 87 -10.60 -6.82 5.51
C SER A 87 -11.06 -8.23 5.17
N ASP A 88 -12.20 -8.32 4.51
CA ASP A 88 -12.69 -9.62 4.04
C ASP A 88 -11.72 -10.21 3.01
N LYS A 89 -11.82 -11.53 2.85
CA LYS A 89 -10.84 -12.31 2.09
C LYS A 89 -11.56 -13.33 1.19
N PRO A 90 -11.76 -12.97 -0.07
CA PRO A 90 -12.26 -13.96 -1.05
C PRO A 90 -11.49 -15.28 -0.95
N ALA A 91 -12.22 -16.36 -1.09
CA ALA A 91 -11.69 -17.69 -0.79
C ALA A 91 -10.92 -18.38 -1.90
N LYS A 92 -10.98 -17.86 -3.12
CA LYS A 92 -10.28 -18.51 -4.26
C LYS A 92 -9.25 -17.54 -4.84
N ARG A 93 -8.06 -18.04 -5.17
CA ARG A 93 -7.04 -17.20 -5.80
C ARG A 93 -7.58 -16.50 -7.04
N THR A 94 -8.41 -17.20 -7.81
CA THR A 94 -8.94 -16.67 -9.06
C THR A 94 -9.94 -15.54 -8.84
N ASP A 95 -10.41 -15.33 -7.61
CA ASP A 95 -11.28 -14.20 -7.31
C ASP A 95 -10.55 -12.84 -7.38
N TYR A 96 -9.23 -12.86 -7.21
CA TYR A 96 -8.46 -11.63 -7.14
C TYR A 96 -7.87 -11.26 -8.48
N THR A 97 -8.08 -10.02 -8.91
CA THR A 97 -7.42 -9.49 -10.09
C THR A 97 -6.99 -8.08 -9.77
N TYR A 98 -6.01 -7.57 -10.52
CA TYR A 98 -5.55 -6.20 -10.33
C TYR A 98 -6.73 -5.23 -10.51
N GLU A 99 -7.51 -5.40 -11.57
CA GLU A 99 -8.62 -4.50 -11.78
C GLU A 99 -9.67 -4.57 -10.65
N ARG A 100 -9.88 -5.77 -10.10
CA ARG A 100 -10.83 -5.90 -8.99
C ARG A 100 -10.33 -5.12 -7.76
N HIS A 101 -9.06 -5.25 -7.43
CA HIS A 101 -8.50 -4.48 -6.33
C HIS A 101 -8.68 -2.98 -6.55
N VAL A 102 -8.44 -2.51 -7.76
CA VAL A 102 -8.61 -1.09 -8.06
C VAL A 102 -10.08 -0.69 -7.89
N ALA A 103 -11.00 -1.51 -8.38
CA ALA A 103 -12.42 -1.22 -8.25
C ALA A 103 -12.84 -1.21 -6.78
N TRP A 104 -12.38 -2.19 -6.02
CA TRP A 104 -12.71 -2.24 -4.60
C TRP A 104 -12.22 -1.01 -3.86
N MET A 105 -10.95 -0.64 -4.08
CA MET A 105 -10.40 0.49 -3.36
C MET A 105 -10.91 1.83 -3.89
N SER A 106 -11.32 1.86 -5.16
CA SER A 106 -11.96 3.06 -5.71
C SER A 106 -13.31 3.31 -5.02
N ALA A 107 -14.09 2.26 -4.87
CA ALA A 107 -15.35 2.34 -4.12
C ALA A 107 -15.09 2.78 -2.69
N TRP A 108 -14.09 2.18 -2.05
CA TRP A 108 -13.73 2.57 -0.69
C TRP A 108 -13.41 4.05 -0.62
N LEU A 109 -12.62 4.53 -1.56
CA LEU A 109 -12.18 5.91 -1.53
C LEU A 109 -13.34 6.87 -1.71
N GLU A 110 -14.20 6.57 -2.66
CA GLU A 110 -15.35 7.44 -2.93
C GLU A 110 -16.38 7.40 -1.81
N GLN A 111 -16.61 6.23 -1.24
CA GLN A 111 -17.62 6.08 -0.20
C GLN A 111 -17.19 6.76 1.09
N ASN A 112 -15.90 6.80 1.34
CA ASN A 112 -15.39 7.52 2.50
C ASN A 112 -15.10 8.98 2.16
N ASP A 113 -15.28 9.34 0.89
CA ASP A 113 -15.10 10.68 0.32
C ASP A 113 -13.84 11.37 0.81
N LEU A 114 -12.73 10.66 0.70
CA LEU A 114 -11.45 11.22 1.07
C LEU A 114 -10.96 12.18 0.00
N LYS A 115 -10.52 13.36 0.45
CA LYS A 115 -10.06 14.45 -0.41
C LYS A 115 -8.88 15.14 0.26
N ASP A 116 -8.16 15.96 -0.49
CA ASP A 116 -6.99 16.68 0.04
C ASP A 116 -5.95 15.70 0.59
N ILE A 117 -5.83 14.56 -0.07
CA ILE A 117 -5.05 13.44 0.44
C ILE A 117 -3.56 13.62 0.23
N VAL A 118 -2.75 13.30 1.24
CA VAL A 118 -1.32 13.08 1.04
C VAL A 118 -1.10 11.57 1.14
N LEU A 119 -0.75 10.96 0.01
CA LEU A 119 -0.63 9.51 -0.09
C LEU A 119 0.82 9.07 0.12
N PHE A 120 1.01 8.05 0.95
CA PHE A 120 2.27 7.31 1.02
C PHE A 120 1.95 5.87 0.64
N CYS A 121 2.62 5.37 -0.39
CA CYS A 121 2.29 4.03 -0.89
C CYS A 121 3.55 3.21 -1.14
N GLN A 122 3.42 1.91 -0.92
CA GLN A 122 4.54 0.99 -1.01
C GLN A 122 4.04 -0.35 -1.57
N ASP A 123 4.86 -1.03 -2.39
CA ASP A 123 4.47 -2.30 -3.06
C ASP A 123 3.09 -2.22 -3.70
N TRP A 124 2.23 -3.21 -3.48
CA TRP A 124 0.89 -3.17 -4.06
C TRP A 124 0.07 -2.00 -3.56
N GLY A 125 0.45 -1.41 -2.43
CA GLY A 125 -0.20 -0.20 -2.00
C GLY A 125 -0.06 0.90 -3.04
N GLY A 126 1.09 0.93 -3.71
CA GLY A 126 1.31 1.83 -4.83
C GLY A 126 0.73 1.32 -6.15
N LEU A 127 0.84 0.03 -6.47
CA LEU A 127 0.23 -0.45 -7.70
C LEU A 127 -1.26 -0.12 -7.73
N ILE A 128 -1.91 -0.20 -6.58
CA ILE A 128 -3.32 0.15 -6.48
CA ILE A 128 -3.32 0.15 -6.46
C ILE A 128 -3.49 1.64 -6.20
N GLY A 129 -2.74 2.20 -5.25
CA GLY A 129 -2.86 3.61 -4.88
C GLY A 129 -2.63 4.56 -6.04
N LEU A 130 -1.65 4.25 -6.88
CA LEU A 130 -1.37 5.10 -8.05
C LEU A 130 -2.48 5.01 -9.08
N ARG A 131 -3.18 3.89 -9.14
CA ARG A 131 -4.38 3.81 -10.00
C ARG A 131 -5.48 4.69 -9.41
N LEU A 132 -5.57 4.81 -8.09
CA LEU A 132 -6.52 5.75 -7.49
C LEU A 132 -6.16 7.19 -7.85
N VAL A 133 -4.86 7.52 -7.83
CA VAL A 133 -4.42 8.87 -8.21
C VAL A 133 -4.79 9.12 -9.66
N ALA A 134 -4.57 8.15 -10.55
CA ALA A 134 -4.89 8.34 -11.96
C ALA A 134 -6.39 8.41 -12.23
N ALA A 135 -7.19 7.75 -11.42
CA ALA A 135 -8.64 7.80 -11.59
C ALA A 135 -9.25 9.05 -11.00
N PHE A 136 -8.67 9.54 -9.90
CA PHE A 136 -9.24 10.62 -9.11
C PHE A 136 -8.14 11.62 -8.72
N PRO A 137 -7.45 12.19 -9.71
CA PRO A 137 -6.25 12.97 -9.35
C PRO A 137 -6.54 14.18 -8.48
N GLU A 138 -7.70 14.80 -8.64
CA GLU A 138 -8.01 15.96 -7.83
C GLU A 138 -8.26 15.64 -6.35
N ARG A 139 -8.42 14.36 -6.01
CA ARG A 139 -8.53 13.99 -4.59
C ARG A 139 -7.18 14.02 -3.87
N PHE A 140 -6.08 14.12 -4.61
CA PHE A 140 -4.74 13.97 -4.05
C PHE A 140 -3.98 15.29 -4.09
N SER A 141 -3.54 15.74 -2.93
CA SER A 141 -2.72 16.94 -2.81
C SER A 141 -1.23 16.66 -2.98
N ALA A 142 -0.80 15.45 -2.64
CA ALA A 142 0.62 15.07 -2.80
C ALA A 142 0.71 13.57 -2.75
N VAL A 143 1.77 13.03 -3.34
CA VAL A 143 2.03 11.60 -3.38
C VAL A 143 3.47 11.32 -3.06
N VAL A 144 3.69 10.30 -2.24
CA VAL A 144 5.00 9.77 -1.97
C VAL A 144 5.00 8.30 -2.35
N VAL A 145 5.95 7.90 -3.19
CA VAL A 145 6.09 6.51 -3.61
C VAL A 145 7.36 5.94 -3.03
N SER A 146 7.27 4.73 -2.51
CA SER A 146 8.43 4.04 -1.93
C SER A 146 8.36 2.56 -2.26
N ASN A 147 9.41 2.03 -2.88
CA ASN A 147 9.50 0.59 -3.10
C ASN A 147 8.23 0.06 -3.76
N THR A 148 7.91 0.65 -4.90
CA THR A 148 6.68 0.35 -5.59
C THR A 148 6.91 0.63 -7.08
N GLY A 149 5.83 0.62 -7.85
CA GLY A 149 5.90 0.86 -9.27
C GLY A 149 4.52 0.87 -9.84
N LEU A 150 4.45 1.06 -11.17
CA LEU A 150 3.20 0.94 -11.89
C LEU A 150 3.55 0.22 -13.20
N PRO A 151 3.69 -1.12 -13.12
CA PRO A 151 4.28 -1.85 -14.24
C PRO A 151 3.41 -1.85 -15.47
N ILE A 152 4.06 -1.92 -16.62
CA ILE A 152 3.39 -1.90 -17.91
C ILE A 152 3.90 -3.03 -18.82
N GLY A 153 4.41 -4.10 -18.21
CA GLY A 153 4.80 -5.29 -18.95
C GLY A 153 6.12 -5.18 -19.70
N VAL A 154 6.89 -4.15 -19.42
CA VAL A 154 8.11 -3.81 -20.21
C VAL A 154 9.41 -4.08 -19.48
N GLY A 155 10.38 -4.60 -20.24
CA GLY A 155 11.71 -4.84 -19.72
C GLY A 155 11.78 -6.11 -18.90
N LYS A 156 12.89 -6.27 -18.19
CA LYS A 156 13.06 -7.37 -17.26
C LYS A 156 13.00 -6.81 -15.84
N SER A 157 12.49 -7.63 -14.95
CA SER A 157 12.39 -7.30 -13.54
C SER A 157 12.78 -8.57 -12.81
N GLU A 158 14.06 -8.91 -12.89
CA GLU A 158 14.56 -10.18 -12.38
C GLU A 158 14.54 -10.25 -10.86
N GLY A 159 14.70 -9.10 -10.18
CA GLY A 159 14.60 -9.08 -8.73
C GLY A 159 13.20 -9.53 -8.33
N PHE A 160 12.21 -8.91 -8.95
CA PHE A 160 10.84 -9.27 -8.64
C PHE A 160 10.55 -10.71 -9.09
N GLU A 161 11.02 -11.10 -10.26
CA GLU A 161 10.75 -12.44 -10.74
C GLU A 161 11.30 -13.53 -9.80
N ALA A 162 12.42 -13.27 -9.15
CA ALA A 162 12.96 -14.23 -8.18
C ALA A 162 11.96 -14.46 -7.04
N TRP A 163 11.35 -13.39 -6.56
CA TRP A 163 10.32 -13.48 -5.54
C TRP A 163 9.08 -14.15 -6.11
N LEU A 164 8.70 -13.79 -7.34
CA LEU A 164 7.53 -14.38 -7.96
C LEU A 164 7.63 -15.89 -7.99
N ASN A 165 8.74 -16.40 -8.51
CA ASN A 165 8.87 -17.83 -8.68
C ASN A 165 8.88 -18.54 -7.34
N PHE A 166 9.58 -17.97 -6.35
CA PHE A 166 9.51 -18.55 -5.02
C PHE A 166 8.07 -18.60 -4.49
N SER A 167 7.36 -17.49 -4.66
CA SER A 167 6.05 -17.34 -4.07
C SER A 167 5.07 -18.32 -4.68
N GLN A 168 5.33 -18.73 -5.91
CA GLN A 168 4.45 -19.67 -6.58
C GLN A 168 4.84 -21.12 -6.38
N ASN A 169 6.15 -21.38 -6.25
CA ASN A 169 6.61 -22.73 -5.99
C ASN A 169 6.32 -23.20 -4.57
N THR A 170 6.42 -22.29 -3.61
CA THR A 170 6.28 -22.70 -2.23
C THR A 170 4.85 -23.21 -1.96
N PRO A 171 4.72 -24.33 -1.23
CA PRO A 171 3.37 -24.83 -0.93
C PRO A 171 2.63 -24.03 0.13
N GLU A 172 3.38 -23.34 0.97
CA GLU A 172 2.81 -22.51 2.02
C GLU A 172 3.56 -21.18 2.09
N LEU A 173 2.86 -20.17 2.58
CA LEU A 173 3.41 -18.83 2.63
C LEU A 173 3.45 -18.38 4.08
N PRO A 174 4.63 -18.45 4.71
CA PRO A 174 4.72 -18.07 6.13
C PRO A 174 4.89 -16.56 6.23
N VAL A 175 3.81 -15.87 6.56
CA VAL A 175 3.76 -14.44 6.37
C VAL A 175 4.72 -13.68 7.29
N GLY A 176 4.73 -13.96 8.59
CA GLY A 176 5.66 -13.28 9.49
C GLY A 176 7.11 -13.49 9.07
N PHE A 177 7.42 -14.68 8.58
CA PHE A 177 8.75 -15.02 8.10
C PHE A 177 9.14 -14.20 6.88
N ILE A 178 8.19 -13.99 5.98
CA ILE A 178 8.41 -13.16 4.81
CA ILE A 178 8.42 -13.16 4.81
C ILE A 178 8.66 -11.70 5.21
N LEU A 179 7.85 -11.17 6.12
CA LEU A 179 8.05 -9.82 6.60
C LEU A 179 9.45 -9.67 7.21
N ASN A 180 9.87 -10.66 7.98
CA ASN A 180 11.18 -10.55 8.58
C ASN A 180 12.30 -10.64 7.53
N GLY A 181 12.09 -11.45 6.50
CA GLY A 181 13.07 -11.57 5.44
C GLY A 181 13.21 -10.32 4.59
N GLY A 182 12.18 -9.48 4.61
CA GLY A 182 12.17 -8.24 3.84
C GLY A 182 12.39 -6.97 4.66
N THR A 183 12.95 -7.14 5.85
CA THR A 183 13.26 -6.02 6.75
C THR A 183 14.66 -6.18 7.27
N ALA A 184 15.39 -5.08 7.33
CA ALA A 184 16.76 -5.12 7.79
C ALA A 184 16.82 -5.44 9.26
N ARG A 185 15.93 -4.85 10.04
CA ARG A 185 15.90 -5.17 11.46
C ARG A 185 15.18 -6.48 11.74
N ASP A 186 15.55 -7.12 12.85
CA ASP A 186 14.96 -8.39 13.25
CA ASP A 186 14.96 -8.37 13.28
C ASP A 186 13.62 -8.13 13.97
N LEU A 187 12.54 -8.54 13.34
CA LEU A 187 11.22 -8.40 13.92
C LEU A 187 11.07 -9.38 15.08
N SER A 188 10.42 -8.93 16.14
CA SER A 188 10.19 -9.80 17.28
C SER A 188 9.13 -10.85 16.97
N ASP A 189 9.03 -11.86 17.82
CA ASP A 189 8.00 -12.87 17.67
CA ASP A 189 7.98 -12.87 17.70
C ASP A 189 6.61 -12.22 17.72
N ALA A 190 6.43 -11.25 18.61
CA ALA A 190 5.14 -10.55 18.72
C ALA A 190 4.79 -9.84 17.42
N GLU A 191 5.77 -9.17 16.82
CA GLU A 191 5.52 -8.49 15.55
C GLU A 191 5.20 -9.47 14.44
N ARG A 192 5.95 -10.57 14.35
CA ARG A 192 5.63 -11.58 13.36
CA ARG A 192 5.65 -11.59 13.37
C ARG A 192 4.26 -12.19 13.58
N SER A 193 3.88 -12.36 14.84
CA SER A 193 2.56 -12.88 15.14
CA SER A 193 2.56 -12.87 15.17
C SER A 193 1.46 -11.94 14.67
N ALA A 194 1.70 -10.63 14.74
CA ALA A 194 0.72 -9.65 14.27
C ALA A 194 0.54 -9.74 12.76
N TYR A 195 1.63 -10.03 12.05
CA TYR A 195 1.52 -10.25 10.61
C TYR A 195 0.85 -11.57 10.26
N ASP A 196 0.92 -12.56 11.15
CA ASP A 196 0.21 -13.82 10.95
C ASP A 196 -1.25 -13.71 11.36
N ALA A 197 -1.58 -12.72 12.18
CA ALA A 197 -2.93 -12.60 12.76
C ALA A 197 -4.08 -12.68 11.75
N PRO A 198 -3.95 -12.05 10.58
CA PRO A 198 -5.08 -12.12 9.64
C PRO A 198 -5.37 -13.52 9.13
N PHE A 199 -4.45 -14.46 9.30
CA PHE A 199 -4.49 -15.74 8.60
C PHE A 199 -4.46 -16.95 9.53
N PRO A 200 -5.61 -17.30 10.13
CA PRO A 200 -5.62 -18.42 11.09
C PRO A 200 -5.15 -19.75 10.48
N ASP A 201 -5.43 -19.95 9.20
CA ASP A 201 -4.84 -21.06 8.47
C ASP A 201 -4.67 -20.71 7.00
N GLU A 202 -4.17 -21.64 6.19
CA GLU A 202 -3.81 -21.32 4.81
C GLU A 202 -5.00 -20.89 3.96
N SER A 203 -6.22 -21.27 4.34
CA SER A 203 -7.38 -20.95 3.53
C SER A 203 -7.68 -19.46 3.46
N TYR A 204 -7.16 -18.71 4.41
CA TYR A 204 -7.32 -17.25 4.45
C TYR A 204 -6.32 -16.50 3.59
N LYS A 205 -5.37 -17.24 3.01
CA LYS A 205 -4.22 -16.62 2.36
C LYS A 205 -4.30 -16.58 0.83
N GLU A 206 -5.46 -16.84 0.24
CA GLU A 206 -5.50 -16.93 -1.22
C GLU A 206 -5.17 -15.60 -1.91
N GLY A 207 -5.55 -14.47 -1.33
CA GLY A 207 -5.15 -13.20 -1.89
C GLY A 207 -3.65 -12.97 -1.78
N ALA A 208 -3.08 -13.37 -0.67
CA ALA A 208 -1.64 -13.29 -0.48
C ALA A 208 -0.91 -14.23 -1.42
N ARG A 209 -1.49 -15.37 -1.75
CA ARG A 209 -0.80 -16.30 -2.61
C ARG A 209 -0.72 -15.81 -4.04
N ILE A 210 -1.80 -15.24 -4.55
CA ILE A 210 -1.87 -14.87 -5.96
C ILE A 210 -1.28 -13.50 -6.26
N PHE A 211 -1.15 -12.62 -5.26
CA PHE A 211 -0.77 -11.24 -5.58
C PHE A 211 0.46 -11.12 -6.49
N PRO A 212 1.54 -11.84 -6.20
CA PRO A 212 2.70 -11.70 -7.09
C PRO A 212 2.43 -12.00 -8.56
N ALA A 213 1.55 -12.96 -8.82
CA ALA A 213 1.20 -13.34 -10.19
C ALA A 213 0.40 -12.27 -10.94
N LEU A 214 -0.16 -11.33 -10.19
CA LEU A 214 -0.95 -10.25 -10.77
C LEU A 214 -0.11 -9.07 -11.21
N VAL A 215 1.17 -9.03 -10.81
CA VAL A 215 2.01 -7.89 -11.17
C VAL A 215 2.27 -7.96 -12.67
N PRO A 216 1.95 -6.87 -13.42
CA PRO A 216 2.03 -6.99 -14.89
C PRO A 216 3.44 -6.84 -15.47
N ILE A 217 4.18 -7.94 -15.46
CA ILE A 217 5.57 -7.95 -15.89
C ILE A 217 5.77 -8.48 -17.31
N THR A 218 4.70 -8.94 -17.95
CA THR A 218 4.75 -9.34 -19.34
C THR A 218 3.72 -8.53 -20.13
N PRO A 219 3.93 -8.36 -21.44
CA PRO A 219 2.99 -7.57 -22.23
C PRO A 219 1.60 -8.17 -22.27
N GLU A 220 1.49 -9.46 -22.00
CA GLU A 220 0.22 -10.18 -22.07
C GLU A 220 -0.55 -10.15 -20.75
N HIS A 221 0.05 -9.61 -19.70
CA HIS A 221 -0.62 -9.60 -18.41
C HIS A 221 -1.87 -8.74 -18.43
N ALA A 222 -2.87 -9.19 -17.69
CA ALA A 222 -4.01 -8.34 -17.36
C ALA A 222 -3.51 -7.06 -16.70
N SER A 223 -4.19 -5.95 -17.02
CA SER A 223 -3.95 -4.63 -16.47
C SER A 223 -2.79 -3.86 -17.11
N VAL A 224 -2.10 -4.44 -18.09
CA VAL A 224 -1.09 -3.67 -18.82
C VAL A 224 -1.73 -2.47 -19.50
N GLU A 225 -2.84 -2.70 -20.20
CA GLU A 225 -3.48 -1.61 -20.92
C GLU A 225 -3.93 -0.52 -19.95
N GLU A 226 -4.55 -0.91 -18.85
CA GLU A 226 -5.07 0.04 -17.89
C GLU A 226 -3.95 0.81 -17.22
N ASN A 227 -2.82 0.17 -16.96
CA ASN A 227 -1.70 0.87 -16.36
C ASN A 227 -1.04 1.83 -17.33
N LYS A 228 -0.95 1.49 -18.61
CA LYS A 228 -0.41 2.42 -19.59
C LYS A 228 -1.29 3.65 -19.66
N ALA A 229 -2.60 3.46 -19.61
CA ALA A 229 -3.50 4.59 -19.61
C ALA A 229 -3.33 5.47 -18.36
N ALA A 230 -3.19 4.84 -17.20
CA ALA A 230 -2.99 5.57 -15.97
C ALA A 230 -1.72 6.43 -16.03
N TRP A 231 -0.67 5.91 -16.66
CA TRP A 231 0.56 6.68 -16.81
C TRP A 231 0.31 7.98 -17.58
N ALA A 232 -0.62 7.98 -18.54
CA ALA A 232 -0.92 9.24 -19.25
C ALA A 232 -1.51 10.28 -18.31
N VAL A 233 -2.27 9.84 -17.31
CA VAL A 233 -2.76 10.78 -16.30
C VAL A 233 -1.61 11.24 -15.41
N LEU A 234 -0.77 10.31 -14.97
CA LEU A 234 0.37 10.70 -14.14
C LEU A 234 1.32 11.66 -14.85
N GLU A 235 1.40 11.59 -16.18
CA GLU A 235 2.19 12.55 -16.97
C GLU A 235 1.68 13.98 -16.85
N THR A 236 0.46 14.13 -16.34
CA THR A 236 -0.13 15.45 -16.11
C THR A 236 -0.15 15.86 -14.65
N PHE A 237 0.32 14.98 -13.76
CA PHE A 237 0.18 15.19 -12.31
C PHE A 237 1.33 16.07 -11.83
N ASP A 238 1.01 17.30 -11.48
CA ASP A 238 2.03 18.34 -11.27
C ASP A 238 2.12 18.81 -9.82
N LYS A 239 1.34 18.19 -8.95
CA LYS A 239 1.44 18.44 -7.51
C LYS A 239 2.58 17.60 -6.96
N PRO A 240 3.01 17.90 -5.72
CA PRO A 240 4.24 17.27 -5.22
C PRO A 240 4.16 15.75 -5.30
N PHE A 241 5.20 15.16 -5.88
CA PHE A 241 5.25 13.72 -6.11
C PHE A 241 6.67 13.31 -5.81
N VAL A 242 6.83 12.73 -4.62
CA VAL A 242 8.11 12.47 -4.03
C VAL A 242 8.46 10.99 -4.12
N THR A 243 9.70 10.69 -4.49
CA THR A 243 10.19 9.32 -4.40
C THR A 243 11.03 9.16 -3.13
N ALA A 244 10.75 8.08 -2.42
CA ALA A 244 11.40 7.76 -1.17
C ALA A 244 11.68 6.26 -1.13
N PHE A 245 12.28 5.74 -2.20
CA PHE A 245 12.66 4.32 -2.23
C PHE A 245 13.78 4.06 -1.23
N SER A 246 13.88 2.82 -0.76
CA SER A 246 14.93 2.44 0.17
C SER A 246 16.20 1.96 -0.52
N ASP A 247 17.26 1.78 0.26
CA ASP A 247 18.54 1.43 -0.31
C ASP A 247 18.76 -0.06 -0.55
N ALA A 248 17.99 -0.89 0.15
CA ALA A 248 18.27 -2.32 0.14
C ALA A 248 17.08 -3.18 -0.27
N ASP A 249 16.42 -2.77 -1.35
CA ASP A 249 15.33 -3.57 -1.93
C ASP A 249 15.47 -3.75 -3.43
N PRO A 250 16.22 -4.77 -3.85
CA PRO A 250 16.37 -5.01 -5.29
C PRO A 250 15.10 -5.45 -6.00
N ILE A 251 14.08 -5.88 -5.28
CA ILE A 251 12.81 -6.25 -5.92
C ILE A 251 12.18 -5.04 -6.62
N THR A 252 12.26 -3.87 -6.00
CA THR A 252 11.51 -2.72 -6.50
C THR A 252 12.35 -1.56 -6.97
N ARG A 253 13.65 -1.65 -6.74
CA ARG A 253 14.53 -0.54 -7.00
C ARG A 253 14.33 0.09 -8.38
N GLY A 254 14.16 -0.76 -9.39
CA GLY A 254 14.03 -0.29 -10.77
C GLY A 254 12.74 0.44 -11.06
N GLY A 255 11.81 0.44 -10.11
CA GLY A 255 10.53 1.09 -10.30
C GLY A 255 10.54 2.61 -10.18
N GLU A 256 11.59 3.17 -9.60
CA GLU A 256 11.68 4.61 -9.34
C GLU A 256 11.87 5.50 -10.57
N ALA A 257 12.67 4.99 -11.50
CA ALA A 257 13.13 5.81 -12.62
C ALA A 257 11.97 6.36 -13.44
N MET A 258 10.94 5.56 -13.66
CA MET A 258 9.89 6.00 -14.56
C MET A 258 9.13 7.18 -13.95
N PHE A 259 9.02 7.24 -12.63
CA PHE A 259 8.33 8.38 -12.01
C PHE A 259 9.10 9.66 -12.27
N LEU A 260 10.41 9.61 -12.09
CA LEU A 260 11.24 10.79 -12.28
C LEU A 260 11.23 11.25 -13.74
N ALA A 261 11.09 10.29 -14.65
CA ALA A 261 11.12 10.59 -16.08
C ALA A 261 9.80 11.15 -16.58
N ARG A 262 8.69 10.70 -15.99
CA ARG A 262 7.38 10.97 -16.59
C ARG A 262 6.46 11.89 -15.81
N VAL A 263 6.63 12.01 -14.50
CA VAL A 263 5.68 12.72 -13.66
C VAL A 263 6.18 14.15 -13.36
N PRO A 264 5.47 15.18 -13.86
CA PRO A 264 5.97 16.55 -13.66
C PRO A 264 6.11 16.97 -12.21
N GLY A 265 5.26 16.45 -11.34
CA GLY A 265 5.31 16.81 -9.94
C GLY A 265 6.55 16.33 -9.21
N THR A 266 7.39 15.51 -9.85
CA THR A 266 8.66 15.13 -9.25
C THR A 266 9.73 16.22 -9.42
N LYS A 267 9.49 17.23 -10.25
CA LYS A 267 10.57 18.16 -10.59
CA LYS A 267 10.53 18.20 -10.60
C LYS A 267 10.94 19.09 -9.43
N ASN A 268 9.96 19.64 -8.72
CA ASN A 268 10.23 20.66 -7.69
C ASN A 268 10.04 20.15 -6.29
N VAL A 269 10.42 18.89 -6.08
CA VAL A 269 10.52 18.32 -4.75
C VAL A 269 11.85 17.61 -4.61
N ALA A 270 12.28 17.46 -3.36
CA ALA A 270 13.48 16.73 -3.04
C ALA A 270 13.12 15.28 -2.88
N HIS A 271 13.91 14.43 -3.50
CA HIS A 271 13.74 13.01 -3.34
C HIS A 271 14.75 12.51 -2.36
N THR A 272 14.45 11.38 -1.74
CA THR A 272 15.37 10.81 -0.78
C THR A 272 15.47 9.32 -0.94
N THR A 273 16.57 8.79 -0.45
CA THR A 273 16.74 7.35 -0.30
C THR A 273 16.66 7.03 1.18
N LEU A 274 15.65 6.25 1.55
CA LEU A 274 15.48 5.79 2.92
C LEU A 274 16.36 4.58 3.20
N LYS A 275 16.74 4.39 4.45
CA LYS A 275 17.44 3.19 4.85
C LYS A 275 16.44 2.08 5.10
N GLY A 276 16.70 0.93 4.48
CA GLY A 276 16.00 -0.27 4.86
C GLY A 276 15.69 -1.20 3.73
N GLY A 277 15.01 -2.27 4.09
CA GLY A 277 14.66 -3.30 3.14
C GLY A 277 13.37 -3.02 2.41
N HIS A 278 12.80 -4.07 1.83
CA HIS A 278 11.57 -3.93 1.07
C HIS A 278 10.47 -3.26 1.92
N PHE A 279 10.24 -3.80 3.12
CA PHE A 279 9.23 -3.25 4.02
C PHE A 279 9.86 -2.13 4.83
N VAL A 280 10.16 -1.06 4.14
CA VAL A 280 10.94 0.04 4.68
C VAL A 280 10.30 0.69 5.91
N GLN A 281 9.00 0.57 6.03
CA GLN A 281 8.28 1.11 7.18
C GLN A 281 8.73 0.52 8.49
N GLU A 282 9.25 -0.70 8.49
CA GLU A 282 9.79 -1.29 9.71
C GLU A 282 11.17 -0.78 10.05
N ASP A 283 11.90 -0.31 9.04
CA ASP A 283 13.28 0.10 9.21
C ASP A 283 13.44 1.60 9.47
N SER A 284 12.58 2.40 8.83
CA SER A 284 12.70 3.87 8.90
C SER A 284 11.36 4.57 9.14
N PRO A 285 10.59 4.09 10.13
CA PRO A 285 9.28 4.73 10.35
C PRO A 285 9.37 6.20 10.78
N VAL A 286 10.36 6.54 11.60
CA VAL A 286 10.45 7.90 12.09
C VAL A 286 10.75 8.85 10.93
N GLU A 287 11.66 8.43 10.06
CA GLU A 287 12.03 9.20 8.87
C GLU A 287 10.85 9.37 7.90
N ILE A 288 10.05 8.33 7.73
CA ILE A 288 8.87 8.42 6.88
C ILE A 288 7.89 9.46 7.46
N ALA A 289 7.61 9.37 8.76
CA ALA A 289 6.71 10.31 9.39
C ALA A 289 7.26 11.74 9.26
N ALA A 290 8.55 11.93 9.41
CA ALA A 290 9.14 13.27 9.34
C ALA A 290 8.99 13.79 7.91
N LEU A 291 9.21 12.91 6.93
CA LEU A 291 9.08 13.31 5.54
C LEU A 291 7.65 13.78 5.25
N LEU A 292 6.67 13.02 5.72
CA LEU A 292 5.29 13.33 5.43
C LEU A 292 4.89 14.62 6.16
N ASP A 293 5.35 14.78 7.38
CA ASP A 293 5.04 15.96 8.17
C ASP A 293 5.56 17.21 7.45
N GLY A 294 6.78 17.16 6.98
CA GLY A 294 7.36 18.28 6.26
C GLY A 294 6.69 18.54 4.92
N LEU A 295 6.29 17.47 4.25
CA LEU A 295 5.59 17.60 2.99
C LEU A 295 4.26 18.35 3.19
N VAL A 296 3.48 17.92 4.18
CA VAL A 296 2.22 18.60 4.51
C VAL A 296 2.43 20.09 4.83
N ALA A 297 3.44 20.40 5.61
CA ALA A 297 3.68 21.78 6.02
C ALA A 297 3.95 22.70 4.84
N GLY A 298 4.58 22.17 3.80
CA GLY A 298 4.96 22.96 2.65
C GLY A 298 3.92 23.09 1.56
N LEU A 299 2.77 22.44 1.69
CA LEU A 299 1.81 22.45 0.57
C LEU A 299 1.32 23.82 0.08
N PRO A 300 1.02 24.75 1.00
CA PRO A 300 0.53 26.05 0.54
C PRO A 300 1.54 26.81 -0.31
N GLN A 301 2.83 26.55 -0.09
CA GLN A 301 3.88 27.21 -0.86
C GLN A 301 4.28 26.41 -2.12
N ALA A 302 3.74 25.21 -2.24
CA ALA A 302 3.96 24.38 -3.42
C ALA A 302 2.81 24.53 -4.39
N HIS A 303 2.97 23.97 -5.57
CA HIS A 303 1.87 23.94 -6.52
C HIS A 303 0.71 23.16 -5.93
N HIS A 304 -0.46 23.79 -6.00
CA HIS A 304 -1.70 23.22 -5.50
C HIS A 304 -2.86 23.67 -6.38
N HIS A 305 -3.98 23.00 -6.20
CA HIS A 305 -5.17 23.25 -6.96
C HIS A 305 -6.30 23.82 -6.13
N HIS A 306 -7.35 24.27 -6.81
CA HIS A 306 -8.57 24.74 -6.17
C HIS A 306 -9.82 24.21 -6.83
N HIS A 307 -10.90 24.26 -6.06
CA HIS A 307 -12.26 24.00 -6.52
C HIS A 307 -12.62 22.55 -6.74
N HIS A 308 -12.03 21.65 -5.95
CA HIS A 308 -12.46 20.24 -5.95
C HIS A 308 -12.76 19.79 -4.53
#